data_4K0N
#
_entry.id   4K0N
#
_cell.length_a   42.915
_cell.length_b   64.519
_cell.length_c   82.843
_cell.angle_alpha   90.00
_cell.angle_beta   90.00
_cell.angle_gamma   90.00
#
_symmetry.space_group_name_H-M   'P 21 21 21'
#
loop_
_entity.id
_entity.type
_entity.pdbx_description
1 polymer 'Chloride intracellular channel protein 1'
2 non-polymer 'MALONATE ION'
3 water water
#
_entity_poly.entity_id   1
_entity_poly.type   'polypeptide(L)'
_entity_poly.pdbx_seq_one_letter_code
;GSMAEEQPQVELFVKAGSDGAKIGNAPFSQRLFMVLWLKGVTFNVTTVDTKRRTETVQKLCPGGQLPFLLYGTEVHTDTN
KIEEFLEAVLCPPRYPKLAALNPESNTAGLDIFAKFSAYIKNSNPALNDNLEKGLLKALKVLDNYLTSPLPEEVDETSAE
DEGVSQRKFLDGNELTLADCNLLPKLHIVQVVCKKYRGFTIPEAFRGVHRYLSNAYAREEFASTCPDDEEIELAYEQVAK
ALK
;
_entity_poly.pdbx_strand_id   A
#
loop_
_chem_comp.id
_chem_comp.type
_chem_comp.name
_chem_comp.formula
MLI non-polymer 'MALONATE ION' 'C3 H2 O4 -2'
#
# COMPACT_ATOMS: atom_id res chain seq x y z
N GLN A 7 -25.20 -1.42 -11.49
CA GLN A 7 -23.86 -0.89 -11.18
C GLN A 7 -23.09 -0.62 -12.47
N PRO A 8 -22.82 0.68 -12.76
CA PRO A 8 -21.93 1.04 -13.88
C PRO A 8 -20.64 0.20 -13.90
N GLN A 9 -20.11 -0.05 -15.08
CA GLN A 9 -18.90 -0.85 -15.23
C GLN A 9 -17.76 -0.24 -14.44
N VAL A 10 -17.00 -1.12 -13.78
CA VAL A 10 -15.84 -0.71 -13.01
C VAL A 10 -14.65 -1.47 -13.54
N GLU A 11 -13.77 -0.76 -14.25
CA GLU A 11 -12.65 -1.38 -14.93
C GLU A 11 -11.37 -0.67 -14.50
N LEU A 12 -10.55 -1.37 -13.71
CA LEU A 12 -9.28 -0.81 -13.27
C LEU A 12 -8.15 -1.25 -14.21
N PHE A 13 -7.26 -0.34 -14.56
CA PHE A 13 -6.11 -0.63 -15.42
C PHE A 13 -4.85 -0.39 -14.59
N VAL A 14 -4.02 -1.42 -14.46
CA VAL A 14 -2.89 -1.43 -13.56
C VAL A 14 -1.61 -1.71 -14.33
N LYS A 15 -0.45 -1.43 -13.72
CA LYS A 15 0.82 -1.67 -14.38
C LYS A 15 1.22 -3.13 -14.31
N ALA A 16 1.52 -3.74 -15.47
CA ALA A 16 2.01 -5.12 -15.51
C ALA A 16 3.46 -5.19 -15.11
N GLY A 17 3.86 -6.38 -14.67
CA GLY A 17 5.24 -6.64 -14.31
C GLY A 17 6.13 -6.97 -15.49
N SER A 18 7.25 -7.64 -15.20
CA SER A 18 8.37 -7.77 -16.14
C SER A 18 8.10 -8.61 -17.38
N ASP A 19 7.10 -9.47 -17.38
CA ASP A 19 6.74 -10.25 -18.57
C ASP A 19 5.61 -9.59 -19.36
N GLY A 20 5.21 -8.38 -18.97
CA GLY A 20 4.17 -7.64 -19.65
C GLY A 20 2.77 -8.02 -19.27
N ALA A 21 2.62 -8.94 -18.32
CA ALA A 21 1.28 -9.44 -17.96
C ALA A 21 1.04 -9.64 -16.47
N LYS A 22 2.04 -10.11 -15.75
CA LYS A 22 1.88 -10.47 -14.34
C LYS A 22 1.64 -9.25 -13.45
N ILE A 23 1.25 -9.47 -12.21
CA ILE A 23 1.20 -8.38 -11.24
C ILE A 23 2.57 -7.74 -11.13
N GLY A 24 2.62 -6.42 -11.27
CA GLY A 24 3.90 -5.73 -11.20
C GLY A 24 4.21 -5.09 -9.86
N ASN A 25 5.45 -4.65 -9.71
CA ASN A 25 5.80 -3.76 -8.62
C ASN A 25 5.17 -2.40 -8.98
N ALA A 26 4.08 -2.07 -8.30
CA ALA A 26 3.19 -1.00 -8.73
C ALA A 26 2.27 -0.73 -7.56
N PRO A 27 2.76 0.03 -6.57
CA PRO A 27 2.00 0.19 -5.31
C PRO A 27 0.77 1.08 -5.43
N PHE A 28 0.72 2.01 -6.40
CA PHE A 28 -0.50 2.79 -6.63
CA PHE A 28 -0.51 2.77 -6.60
C PHE A 28 -1.58 1.88 -7.21
N SER A 29 -1.21 1.06 -8.20
CA SER A 29 -2.10 0.07 -8.77
C SER A 29 -2.62 -0.87 -7.68
N GLN A 30 -1.71 -1.39 -6.82
CA GLN A 30 -2.12 -2.32 -5.78
C GLN A 30 -3.07 -1.68 -4.77
N ARG A 31 -2.79 -0.43 -4.38
CA ARG A 31 -3.69 0.32 -3.50
C ARG A 31 -5.12 0.34 -4.04
N LEU A 32 -5.29 0.71 -5.31
CA LEU A 32 -6.63 0.78 -5.87
C LEU A 32 -7.30 -0.58 -5.97
N PHE A 33 -6.54 -1.62 -6.31
CA PHE A 33 -7.07 -2.97 -6.37
C PHE A 33 -7.62 -3.34 -4.96
N MET A 34 -6.85 -3.03 -3.92
CA MET A 34 -7.29 -3.30 -2.54
C MET A 34 -8.56 -2.53 -2.19
N VAL A 35 -8.66 -1.25 -2.59
CA VAL A 35 -9.85 -0.46 -2.27
C VAL A 35 -11.06 -1.11 -2.91
N LEU A 36 -10.94 -1.47 -4.18
CA LEU A 36 -12.10 -2.08 -4.88
C LEU A 36 -12.47 -3.43 -4.26
N TRP A 37 -11.46 -4.20 -3.88
CA TRP A 37 -11.75 -5.47 -3.23
C TRP A 37 -12.56 -5.24 -1.96
N LEU A 38 -12.11 -4.28 -1.13
CA LEU A 38 -12.78 -4.04 0.14
C LEU A 38 -14.19 -3.48 -0.02
N LYS A 39 -14.48 -2.81 -1.14
CA LYS A 39 -15.84 -2.30 -1.36
C LYS A 39 -16.86 -3.42 -1.62
N GLY A 40 -16.43 -4.57 -2.18
CA GLY A 40 -17.34 -5.67 -2.48
C GLY A 40 -18.03 -5.51 -3.81
N VAL A 41 -17.70 -4.47 -4.55
CA VAL A 41 -18.27 -4.24 -5.87
C VAL A 41 -17.77 -5.29 -6.87
N THR A 42 -18.53 -5.55 -7.93
CA THR A 42 -18.01 -6.36 -9.03
C THR A 42 -17.16 -5.45 -9.91
N PHE A 43 -15.92 -5.85 -10.18
CA PHE A 43 -15.02 -5.03 -10.97
C PHE A 43 -14.08 -5.95 -11.73
N ASN A 44 -13.43 -5.37 -12.73
CA ASN A 44 -12.41 -6.08 -13.51
C ASN A 44 -11.09 -5.34 -13.38
N VAL A 45 -9.99 -6.06 -13.61
CA VAL A 45 -8.63 -5.49 -13.55
C VAL A 45 -7.90 -5.98 -14.77
N THR A 46 -7.32 -5.03 -15.51
CA THR A 46 -6.56 -5.33 -16.73
C THR A 46 -5.12 -4.85 -16.50
N THR A 47 -4.16 -5.74 -16.66
CA THR A 47 -2.76 -5.34 -16.56
C THR A 47 -2.31 -4.78 -17.89
N VAL A 48 -1.49 -3.75 -17.81
CA VAL A 48 -1.00 -2.98 -18.97
C VAL A 48 0.51 -3.07 -19.07
N ASP A 49 0.98 -3.56 -20.23
CA ASP A 49 2.40 -3.52 -20.59
C ASP A 49 2.66 -2.17 -21.22
N THR A 50 3.31 -1.26 -20.49
CA THR A 50 3.51 0.07 -21.01
C THR A 50 4.44 0.10 -22.22
N LYS A 51 5.18 -0.98 -22.47
CA LYS A 51 5.99 -1.08 -23.68
C LYS A 51 5.18 -1.52 -24.90
N ARG A 52 3.97 -2.00 -24.67
CA ARG A 52 3.15 -2.57 -25.73
C ARG A 52 1.69 -2.29 -25.40
N ARG A 53 1.30 -1.02 -25.36
CA ARG A 53 -0.06 -0.65 -25.02
C ARG A 53 -1.06 -1.05 -26.10
N THR A 54 -2.19 -1.58 -25.70
CA THR A 54 -3.18 -2.01 -26.69
C THR A 54 -3.86 -0.78 -27.24
N GLU A 55 -4.50 -0.93 -28.40
CA GLU A 55 -5.28 0.16 -29.01
CA GLU A 55 -5.25 0.17 -29.00
C GLU A 55 -6.37 0.63 -28.06
N THR A 56 -6.99 -0.32 -27.35
CA THR A 56 -8.04 -0.02 -26.38
C THR A 56 -7.54 0.90 -25.26
N VAL A 57 -6.44 0.52 -24.63
CA VAL A 57 -5.83 1.35 -23.59
C VAL A 57 -5.42 2.73 -24.14
N GLN A 58 -4.86 2.75 -25.34
CA GLN A 58 -4.47 4.02 -25.97
C GLN A 58 -5.67 4.95 -26.14
N LYS A 59 -6.83 4.41 -26.51
CA LYS A 59 -8.01 5.25 -26.72
CA LYS A 59 -8.04 5.20 -26.72
C LYS A 59 -8.67 5.68 -25.42
N LEU A 60 -8.66 4.82 -24.40
CA LEU A 60 -9.29 5.14 -23.12
C LEU A 60 -8.54 6.25 -22.40
N CYS A 61 -7.22 6.16 -22.42
CA CYS A 61 -6.39 7.07 -21.65
C CYS A 61 -5.20 7.53 -22.48
N PRO A 62 -5.45 8.51 -23.37
CA PRO A 62 -4.45 8.92 -24.34
C PRO A 62 -3.17 9.45 -23.69
N GLY A 63 -3.32 10.05 -22.51
CA GLY A 63 -2.20 10.61 -21.76
C GLY A 63 -1.23 9.56 -21.26
N GLY A 64 -1.72 8.33 -21.15
CA GLY A 64 -0.88 7.21 -20.77
C GLY A 64 -0.66 7.05 -19.28
N GLN A 65 -1.35 7.84 -18.46
CA GLN A 65 -1.21 7.68 -17.02
C GLN A 65 -1.67 6.30 -16.59
N LEU A 66 -1.05 5.80 -15.53
CA LEU A 66 -1.36 4.49 -15.00
C LEU A 66 -1.04 4.54 -13.52
N PRO A 67 -1.89 3.93 -12.65
CA PRO A 67 -3.16 3.26 -12.99
C PRO A 67 -4.21 4.24 -13.46
N PHE A 68 -5.28 3.71 -14.06
CA PHE A 68 -6.44 4.54 -14.34
C PHE A 68 -7.70 3.70 -14.16
N LEU A 69 -8.83 4.36 -14.02
CA LEU A 69 -10.10 3.70 -13.77
C LEU A 69 -11.09 4.15 -14.82
N LEU A 70 -11.74 3.18 -15.45
CA LEU A 70 -12.92 3.44 -16.27
C LEU A 70 -14.15 3.10 -15.40
N TYR A 71 -14.97 4.10 -15.11
CA TYR A 71 -16.17 3.93 -14.30
C TYR A 71 -17.34 4.43 -15.14
N GLY A 72 -18.24 3.55 -15.55
CA GLY A 72 -19.23 3.93 -16.55
C GLY A 72 -18.53 4.35 -17.83
N THR A 73 -18.80 5.57 -18.29
CA THR A 73 -18.20 6.04 -19.54
C THR A 73 -16.88 6.80 -19.34
N GLU A 74 -16.56 7.11 -18.08
CA GLU A 74 -15.55 8.13 -17.81
C GLU A 74 -14.27 7.53 -17.27
N VAL A 75 -13.16 8.08 -17.72
CA VAL A 75 -11.85 7.67 -17.27
C VAL A 75 -11.34 8.64 -16.22
N HIS A 76 -10.82 8.07 -15.13
CA HIS A 76 -10.30 8.84 -14.02
C HIS A 76 -8.82 8.51 -13.88
N THR A 77 -8.00 9.52 -13.72
CA THR A 77 -6.57 9.35 -13.43
C THR A 77 -6.21 10.04 -12.12
N ASP A 78 -4.99 9.77 -11.64
CA ASP A 78 -4.42 10.29 -10.39
C ASP A 78 -4.95 9.41 -9.27
N THR A 79 -4.08 8.56 -8.74
CA THR A 79 -4.49 7.54 -7.78
C THR A 79 -5.25 8.11 -6.59
N ASN A 80 -4.75 9.21 -6.01
CA ASN A 80 -5.48 9.81 -4.90
C ASN A 80 -6.90 10.23 -5.28
N LYS A 81 -7.04 10.86 -6.46
CA LYS A 81 -8.36 11.29 -6.88
CA LYS A 81 -8.35 11.29 -6.94
C LYS A 81 -9.25 10.09 -7.23
N ILE A 82 -8.67 9.02 -7.79
CA ILE A 82 -9.47 7.84 -8.09
C ILE A 82 -10.01 7.21 -6.79
N GLU A 83 -9.14 7.13 -5.77
CA GLU A 83 -9.55 6.60 -4.49
CA GLU A 83 -9.58 6.61 -4.50
C GLU A 83 -10.68 7.44 -3.86
N GLU A 84 -10.51 8.76 -3.88
CA GLU A 84 -11.53 9.64 -3.31
C GLU A 84 -12.86 9.46 -4.05
N PHE A 85 -12.81 9.34 -5.37
CA PHE A 85 -14.00 9.12 -6.18
C PHE A 85 -14.67 7.80 -5.78
N LEU A 86 -13.89 6.72 -5.65
CA LEU A 86 -14.44 5.43 -5.29
C LEU A 86 -15.10 5.43 -3.92
N GLU A 87 -14.44 6.08 -2.96
CA GLU A 87 -15.00 6.15 -1.62
C GLU A 87 -16.31 6.92 -1.64
N ALA A 88 -16.39 7.96 -2.47
CA ALA A 88 -17.59 8.77 -2.53
C ALA A 88 -18.75 8.08 -3.27
N VAL A 89 -18.45 7.37 -4.36
CA VAL A 89 -19.51 6.84 -5.20
CA VAL A 89 -19.49 6.83 -5.21
C VAL A 89 -19.94 5.44 -4.79
N LEU A 90 -19.00 4.63 -4.31
CA LEU A 90 -19.33 3.30 -3.80
C LEU A 90 -19.50 3.43 -2.27
N CYS A 91 -20.67 3.87 -1.85
CA CYS A 91 -20.87 4.34 -0.47
C CYS A 91 -22.07 3.67 0.17
N PRO A 92 -22.23 3.85 1.48
CA PRO A 92 -23.42 3.25 2.13
C PRO A 92 -24.72 3.82 1.54
N PRO A 93 -25.79 3.04 1.58
CA PRO A 93 -25.91 1.73 2.24
C PRO A 93 -25.40 0.54 1.40
N ARG A 94 -25.14 0.72 0.12
CA ARG A 94 -24.80 -0.43 -0.73
C ARG A 94 -23.37 -0.97 -0.48
N TYR A 95 -22.40 -0.09 -0.21
CA TYR A 95 -21.03 -0.50 -0.03
C TYR A 95 -20.48 0.15 1.25
N PRO A 96 -19.51 -0.51 1.91
CA PRO A 96 -19.01 0.07 3.17
C PRO A 96 -18.14 1.27 2.95
N LYS A 97 -18.24 2.22 3.87
CA LYS A 97 -17.31 3.32 3.97
C LYS A 97 -15.96 2.77 4.45
N LEU A 98 -14.88 3.12 3.76
CA LEU A 98 -13.54 2.60 4.09
C LEU A 98 -12.62 3.63 4.73
N ALA A 99 -13.05 4.90 4.76
CA ALA A 99 -12.19 5.93 5.36
C ALA A 99 -11.93 5.62 6.85
N ALA A 100 -10.71 5.94 7.29
CA ALA A 100 -10.36 5.81 8.69
C ALA A 100 -11.18 6.76 9.55
N LEU A 101 -11.45 6.33 10.77
CA LEU A 101 -12.14 7.17 11.78
C LEU A 101 -11.21 8.17 12.43
N ASN A 102 -9.94 7.79 12.56
CA ASN A 102 -8.94 8.60 13.27
C ASN A 102 -8.00 9.25 12.26
N PRO A 103 -8.00 10.58 12.15
CA PRO A 103 -7.17 11.23 11.12
C PRO A 103 -5.70 10.83 11.15
N GLU A 104 -5.15 10.57 12.32
CA GLU A 104 -3.75 10.18 12.40
C GLU A 104 -3.46 8.87 11.71
N SER A 105 -4.47 8.05 11.54
CA SER A 105 -4.25 6.80 10.80
C SER A 105 -3.83 7.08 9.35
N ASN A 106 -4.22 8.24 8.82
CA ASN A 106 -3.94 8.63 7.44
C ASN A 106 -2.55 9.23 7.24
N THR A 107 -1.86 9.55 8.32
CA THR A 107 -0.53 10.12 8.21
C THR A 107 0.56 9.22 8.81
N ALA A 108 0.19 8.26 9.65
CA ALA A 108 1.19 7.42 10.29
C ALA A 108 2.00 6.69 9.22
N GLY A 109 3.32 6.76 9.31
CA GLY A 109 4.18 6.00 8.42
C GLY A 109 4.38 6.58 7.01
N LEU A 110 3.79 7.73 6.72
CA LEU A 110 3.89 8.27 5.34
C LEU A 110 5.29 8.66 4.95
N ASP A 111 6.15 8.95 5.93
CA ASP A 111 7.52 9.33 5.62
C ASP A 111 8.45 8.15 5.36
N ILE A 112 7.98 6.92 5.61
CA ILE A 112 8.89 5.78 5.53
C ILE A 112 9.44 5.58 4.11
N PHE A 113 8.57 5.66 3.11
CA PHE A 113 8.99 5.33 1.77
C PHE A 113 10.13 6.22 1.27
N ALA A 114 10.03 7.53 1.50
CA ALA A 114 11.09 8.44 1.07
C ALA A 114 12.39 8.20 1.82
N LYS A 115 12.31 7.82 3.09
CA LYS A 115 13.53 7.50 3.84
C LYS A 115 14.19 6.23 3.32
N PHE A 116 13.35 5.27 2.96
CA PHE A 116 13.80 4.06 2.29
C PHE A 116 14.47 4.40 0.96
N SER A 117 13.84 5.24 0.14
CA SER A 117 14.41 5.55 -1.17
C SER A 117 15.82 6.14 -1.05
N ALA A 118 15.98 7.06 -0.11
CA ALA A 118 17.28 7.68 0.10
C ALA A 118 18.29 6.62 0.56
N TYR A 119 17.91 5.80 1.54
CA TYR A 119 18.75 4.74 2.04
C TYR A 119 19.21 3.76 0.96
N ILE A 120 18.26 3.28 0.14
CA ILE A 120 18.59 2.21 -0.79
C ILE A 120 19.38 2.73 -1.98
N LYS A 121 19.21 4.00 -2.33
CA LYS A 121 19.90 4.56 -3.50
C LYS A 121 21.25 5.15 -3.15
N ASN A 122 21.53 5.33 -1.87
CA ASN A 122 22.75 5.99 -1.42
C ASN A 122 24.01 5.25 -1.82
N SER A 123 24.98 5.98 -2.36
CA SER A 123 26.25 5.36 -2.76
C SER A 123 27.41 5.92 -1.96
N ASN A 124 27.17 6.85 -1.04
CA ASN A 124 28.24 7.40 -0.21
C ASN A 124 28.29 6.61 1.10
N PRO A 125 29.30 5.74 1.27
CA PRO A 125 29.27 4.85 2.44
C PRO A 125 29.26 5.60 3.76
N ALA A 126 29.76 6.82 3.79
CA ALA A 126 29.73 7.58 5.05
C ALA A 126 28.33 7.82 5.54
N LEU A 127 27.36 7.91 4.62
CA LEU A 127 25.98 8.17 4.99
C LEU A 127 25.20 6.92 5.40
N ASN A 128 25.75 5.72 5.21
CA ASN A 128 24.98 4.50 5.42
C ASN A 128 24.27 4.47 6.77
N ASP A 129 25.01 4.76 7.84
CA ASP A 129 24.41 4.61 9.16
C ASP A 129 23.41 5.71 9.44
N ASN A 130 23.63 6.88 8.88
CA ASN A 130 22.69 7.99 9.03
C ASN A 130 21.35 7.66 8.38
N LEU A 131 21.40 7.14 7.15
CA LEU A 131 20.20 6.85 6.38
C LEU A 131 19.49 5.63 6.95
N GLU A 132 20.25 4.64 7.40
CA GLU A 132 19.65 3.49 8.03
C GLU A 132 18.89 3.94 9.29
N LYS A 133 19.52 4.79 10.09
CA LYS A 133 18.88 5.30 11.30
C LYS A 133 17.64 6.13 10.99
N GLY A 134 17.65 6.90 9.93
CA GLY A 134 16.49 7.68 9.55
C GLY A 134 15.32 6.79 9.19
N LEU A 135 15.61 5.71 8.47
CA LEU A 135 14.58 4.73 8.13
C LEU A 135 14.05 4.01 9.39
N LEU A 136 14.95 3.58 10.28
CA LEU A 136 14.56 2.93 11.52
CA LEU A 136 14.55 2.91 11.49
C LEU A 136 13.70 3.83 12.37
N LYS A 137 14.06 5.10 12.46
CA LYS A 137 13.28 6.03 13.27
C LYS A 137 11.88 6.21 12.71
N ALA A 138 11.74 6.27 11.38
CA ALA A 138 10.42 6.40 10.79
C ALA A 138 9.59 5.14 11.03
N LEU A 139 10.23 3.97 10.96
CA LEU A 139 9.56 2.73 11.30
C LEU A 139 9.13 2.70 12.77
N LYS A 140 9.95 3.27 13.66
CA LYS A 140 9.62 3.30 15.08
C LYS A 140 8.45 4.22 15.36
N VAL A 141 8.35 5.33 14.63
CA VAL A 141 7.19 6.18 14.79
C VAL A 141 5.90 5.43 14.40
N LEU A 142 5.95 4.69 13.29
CA LEU A 142 4.82 3.84 12.92
C LEU A 142 4.54 2.80 14.01
N ASP A 143 5.58 2.16 14.52
CA ASP A 143 5.41 1.20 15.61
C ASP A 143 4.69 1.82 16.81
N ASN A 144 5.12 3.03 17.17
CA ASN A 144 4.48 3.73 18.28
C ASN A 144 3.00 3.99 18.01
N TYR A 145 2.64 4.34 16.77
CA TYR A 145 1.23 4.58 16.47
C TYR A 145 0.45 3.26 16.62
N LEU A 146 1.01 2.17 16.11
CA LEU A 146 0.35 0.86 16.18
C LEU A 146 0.21 0.28 17.57
N THR A 147 1.10 0.69 18.48
CA THR A 147 1.04 0.21 19.85
C THR A 147 0.34 1.21 20.79
N SER A 148 -0.05 2.39 20.32
CA SER A 148 -0.79 3.37 21.12
CA SER A 148 -0.77 3.35 21.14
C SER A 148 -2.27 3.06 21.06
N PRO A 149 -2.93 2.91 22.23
CA PRO A 149 -4.39 2.67 22.17
C PRO A 149 -5.12 3.76 21.42
N LEU A 150 -6.01 3.34 20.53
CA LEU A 150 -6.91 4.26 19.84
C LEU A 150 -8.08 4.63 20.71
N PRO A 151 -8.85 5.65 20.30
CA PRO A 151 -10.01 6.03 21.14
C PRO A 151 -11.00 4.87 21.42
N GLU A 152 -11.24 4.00 20.45
CA GLU A 152 -12.10 2.85 20.66
C GLU A 152 -11.61 1.94 21.78
N GLU A 153 -10.31 1.97 22.06
CA GLU A 153 -9.69 1.10 23.06
C GLU A 153 -9.53 1.75 24.44
N VAL A 154 -10.11 2.93 24.63
CA VAL A 154 -9.87 3.68 25.89
C VAL A 154 -10.17 2.82 27.12
N ASP A 155 -9.22 2.77 28.05
CA ASP A 155 -9.39 2.06 29.32
C ASP A 155 -9.59 0.55 29.21
N GLU A 156 -9.42 -0.03 28.02
CA GLU A 156 -9.39 -1.48 27.93
C GLU A 156 -8.09 -1.98 28.47
N THR A 157 -8.07 -3.19 28.99
CA THR A 157 -6.79 -3.68 29.46
C THR A 157 -6.57 -5.16 29.16
N SER A 158 -5.30 -5.51 28.94
CA SER A 158 -4.90 -6.87 28.61
C SER A 158 -3.76 -7.28 29.51
N ALA A 159 -3.83 -8.52 30.02
CA ALA A 159 -2.84 -9.04 30.96
C ALA A 159 -1.40 -8.95 30.42
N GLU A 160 -0.50 -8.49 31.29
CA GLU A 160 0.93 -8.36 30.97
C GLU A 160 1.21 -7.31 29.88
N ASP A 161 0.21 -6.51 29.54
CA ASP A 161 0.34 -5.62 28.40
C ASP A 161 -0.37 -4.29 28.63
N GLU A 162 -0.23 -3.72 29.82
CA GLU A 162 -0.93 -2.48 30.14
C GLU A 162 -0.47 -1.34 29.25
N GLY A 163 -1.44 -0.61 28.76
CA GLY A 163 -1.18 0.59 27.99
C GLY A 163 -0.79 0.32 26.55
N VAL A 164 -0.90 -0.92 26.09
CA VAL A 164 -0.50 -1.32 24.72
C VAL A 164 -1.71 -1.70 23.88
N SER A 165 -1.82 -1.12 22.69
CA SER A 165 -2.93 -1.42 21.80
C SER A 165 -2.93 -2.86 21.33
N GLN A 166 -4.12 -3.39 21.09
CA GLN A 166 -4.28 -4.75 20.63
C GLN A 166 -4.80 -4.85 19.18
N ARG A 167 -5.11 -3.71 18.58
CA ARG A 167 -5.81 -3.77 17.29
C ARG A 167 -4.99 -4.32 16.15
N LYS A 168 -5.67 -4.82 15.13
CA LYS A 168 -4.95 -5.45 14.02
C LYS A 168 -4.31 -4.48 13.01
N PHE A 169 -4.98 -3.38 12.70
CA PHE A 169 -4.60 -2.53 11.57
C PHE A 169 -4.44 -1.07 12.02
N LEU A 170 -4.18 -0.18 11.07
CA LEU A 170 -3.86 1.21 11.48
C LEU A 170 -4.96 1.84 12.32
N ASP A 171 -6.21 1.60 11.95
CA ASP A 171 -7.30 2.40 12.49
C ASP A 171 -8.22 1.61 13.39
N GLY A 172 -7.95 0.32 13.61
CA GLY A 172 -8.88 -0.57 14.26
C GLY A 172 -8.74 -1.98 13.72
N ASN A 173 -9.81 -2.76 13.81
CA ASN A 173 -9.74 -4.16 13.42
C ASN A 173 -10.20 -4.43 11.99
N GLU A 174 -10.53 -3.37 11.24
CA GLU A 174 -10.86 -3.50 9.81
C GLU A 174 -9.86 -2.74 8.96
N LEU A 175 -9.58 -3.25 7.77
CA LEU A 175 -8.75 -2.52 6.81
C LEU A 175 -9.48 -1.24 6.37
N THR A 176 -8.73 -0.15 6.24
CA THR A 176 -9.30 1.12 5.81
C THR A 176 -8.48 1.63 4.63
N LEU A 177 -8.90 2.76 4.04
CA LEU A 177 -8.13 3.39 2.98
C LEU A 177 -6.68 3.64 3.39
N ALA A 178 -6.45 3.95 4.67
CA ALA A 178 -5.11 4.21 5.13
C ALA A 178 -4.21 2.99 4.96
N ASP A 179 -4.73 1.78 5.24
CA ASP A 179 -3.93 0.57 5.05
C ASP A 179 -3.67 0.31 3.56
N CYS A 180 -4.65 0.60 2.71
CA CYS A 180 -4.52 0.34 1.26
C CYS A 180 -3.42 1.22 0.70
N ASN A 181 -3.26 2.43 1.26
CA ASN A 181 -2.19 3.26 0.82
C ASN A 181 -0.83 2.78 1.33
N LEU A 182 -0.74 2.52 2.63
CA LEU A 182 0.56 2.27 3.24
C LEU A 182 1.12 0.87 2.94
N LEU A 183 0.27 -0.16 2.95
CA LEU A 183 0.81 -1.50 2.90
C LEU A 183 1.62 -1.82 1.63
N PRO A 184 1.12 -1.43 0.43
CA PRO A 184 1.93 -1.77 -0.76
C PRO A 184 3.33 -1.17 -0.67
N LYS A 185 3.44 0.05 -0.17
CA LYS A 185 4.75 0.73 -0.06
C LYS A 185 5.61 0.13 1.04
N LEU A 186 5.03 -0.10 2.22
CA LEU A 186 5.77 -0.68 3.31
C LEU A 186 6.29 -2.07 2.94
N HIS A 187 5.50 -2.83 2.16
CA HIS A 187 5.97 -4.13 1.73
C HIS A 187 7.19 -4.03 0.82
N ILE A 188 7.16 -3.09 -0.15
CA ILE A 188 8.34 -2.85 -1.00
C ILE A 188 9.56 -2.55 -0.12
N VAL A 189 9.41 -1.64 0.85
CA VAL A 189 10.53 -1.30 1.72
C VAL A 189 11.09 -2.58 2.34
N GLN A 190 10.22 -3.41 2.92
CA GLN A 190 10.69 -4.59 3.62
C GLN A 190 11.44 -5.56 2.68
N VAL A 191 10.85 -5.83 1.52
CA VAL A 191 11.42 -6.80 0.59
C VAL A 191 12.76 -6.31 0.05
N VAL A 192 12.82 -5.05 -0.38
CA VAL A 192 14.01 -4.54 -1.02
C VAL A 192 15.15 -4.38 -0.02
N CYS A 193 14.84 -3.82 1.14
CA CYS A 193 15.89 -3.70 2.14
C CYS A 193 16.46 -5.05 2.57
N LYS A 194 15.60 -6.05 2.72
CA LYS A 194 16.09 -7.35 3.10
C LYS A 194 17.00 -7.94 2.00
N LYS A 195 16.53 -7.91 0.75
CA LYS A 195 17.30 -8.54 -0.32
C LYS A 195 18.64 -7.85 -0.59
N TYR A 196 18.66 -6.53 -0.59
CA TYR A 196 19.85 -5.82 -1.08
C TYR A 196 20.78 -5.38 0.01
N ARG A 197 20.31 -5.29 1.26
CA ARG A 197 21.18 -4.82 2.34
C ARG A 197 21.13 -5.76 3.55
N GLY A 198 20.23 -6.74 3.57
CA GLY A 198 20.07 -7.56 4.77
C GLY A 198 19.47 -6.81 5.93
N PHE A 199 18.84 -5.65 5.67
CA PHE A 199 18.18 -4.90 6.72
C PHE A 199 16.84 -5.53 7.03
N THR A 200 16.59 -5.74 8.32
CA THR A 200 15.33 -6.27 8.76
C THR A 200 14.69 -5.31 9.74
N ILE A 201 13.37 -5.27 9.74
CA ILE A 201 12.65 -4.47 10.75
C ILE A 201 12.83 -5.21 12.08
N PRO A 202 13.35 -4.54 13.13
CA PRO A 202 13.67 -5.27 14.37
C PRO A 202 12.44 -5.97 14.94
N GLU A 203 12.66 -7.16 15.50
CA GLU A 203 11.56 -7.91 16.12
C GLU A 203 10.95 -7.15 17.28
N ALA A 204 11.74 -6.25 17.88
CA ALA A 204 11.23 -5.42 18.98
C ALA A 204 10.17 -4.42 18.54
N PHE A 205 10.03 -4.19 17.23
CA PHE A 205 8.96 -3.34 16.74
C PHE A 205 7.75 -4.25 16.60
N ARG A 206 7.13 -4.57 17.73
CA ARG A 206 6.06 -5.55 17.77
CA ARG A 206 6.05 -5.54 17.78
C ARG A 206 4.79 -5.05 17.13
N GLY A 207 4.54 -3.76 17.18
CA GLY A 207 3.40 -3.19 16.51
C GLY A 207 3.53 -3.36 15.00
N VAL A 208 4.67 -2.96 14.41
CA VAL A 208 4.87 -3.16 12.98
C VAL A 208 4.78 -4.64 12.60
N HIS A 209 5.44 -5.54 13.35
CA HIS A 209 5.38 -6.95 12.99
C HIS A 209 3.99 -7.55 13.09
N ARG A 210 3.24 -7.22 14.15
CA ARG A 210 1.87 -7.74 14.23
C ARG A 210 1.02 -7.22 13.08
N TYR A 211 1.18 -5.95 12.75
CA TYR A 211 0.44 -5.33 11.65
C TYR A 211 0.72 -6.05 10.35
N LEU A 212 2.00 -6.23 10.03
CA LEU A 212 2.33 -6.90 8.78
C LEU A 212 1.87 -8.35 8.76
N SER A 213 1.99 -9.05 9.89
CA SER A 213 1.51 -10.43 9.94
C SER A 213 0.02 -10.51 9.62
N ASN A 214 -0.76 -9.66 10.27
CA ASN A 214 -2.20 -9.61 9.98
C ASN A 214 -2.50 -9.17 8.56
N ALA A 215 -1.86 -8.10 8.10
CA ALA A 215 -2.16 -7.55 6.80
C ALA A 215 -1.75 -8.46 5.66
N TYR A 216 -0.56 -9.06 5.78
CA TYR A 216 -0.06 -9.90 4.69
C TYR A 216 -0.94 -11.15 4.50
N ALA A 217 -1.65 -11.58 5.54
CA ALA A 217 -2.53 -12.73 5.43
C ALA A 217 -3.91 -12.34 4.93
N ARG A 218 -4.26 -11.06 4.88
CA ARG A 218 -5.55 -10.66 4.32
C ARG A 218 -5.56 -10.86 2.82
N GLU A 219 -6.62 -11.48 2.30
N GLU A 219 -6.63 -11.47 2.32
CA GLU A 219 -6.64 -11.79 0.87
CA GLU A 219 -6.75 -11.80 0.91
C GLU A 219 -6.55 -10.53 0.03
C GLU A 219 -6.69 -10.58 0.00
N GLU A 220 -7.09 -9.42 0.52
CA GLU A 220 -7.08 -8.18 -0.26
C GLU A 220 -5.64 -7.77 -0.58
N PHE A 221 -4.72 -8.03 0.37
CA PHE A 221 -3.29 -7.79 0.15
C PHE A 221 -2.64 -8.97 -0.59
N ALA A 222 -2.83 -10.18 -0.09
CA ALA A 222 -2.11 -11.34 -0.61
C ALA A 222 -2.41 -11.58 -2.08
N SER A 223 -3.65 -11.41 -2.50
CA SER A 223 -4.01 -11.72 -3.87
C SER A 223 -3.68 -10.60 -4.85
N THR A 224 -3.32 -9.43 -4.34
CA THR A 224 -2.96 -8.29 -5.19
C THR A 224 -1.46 -8.00 -5.19
N CYS A 225 -0.68 -8.81 -4.47
CA CYS A 225 0.72 -8.51 -4.24
C CYS A 225 1.61 -9.19 -5.28
N PRO A 226 2.57 -8.46 -5.86
CA PRO A 226 3.51 -9.12 -6.78
C PRO A 226 4.43 -10.05 -6.01
N ASP A 227 5.07 -10.98 -6.71
CA ASP A 227 6.08 -11.86 -6.12
C ASP A 227 7.25 -11.07 -5.59
N ASP A 228 7.92 -11.59 -4.55
CA ASP A 228 9.14 -10.96 -4.06
C ASP A 228 10.14 -10.80 -5.18
N GLU A 229 10.27 -11.82 -6.04
CA GLU A 229 11.30 -11.72 -7.05
CA GLU A 229 11.23 -11.80 -7.15
C GLU A 229 10.97 -10.60 -8.06
N GLU A 230 9.69 -10.29 -8.26
CA GLU A 230 9.33 -9.20 -9.16
C GLU A 230 9.67 -7.82 -8.55
N ILE A 231 9.45 -7.67 -7.24
CA ILE A 231 9.86 -6.44 -6.57
C ILE A 231 11.39 -6.30 -6.58
N GLU A 232 12.07 -7.41 -6.30
CA GLU A 232 13.53 -7.41 -6.25
C GLU A 232 14.08 -7.06 -7.66
N LEU A 233 13.50 -7.63 -8.71
CA LEU A 233 13.92 -7.31 -10.08
C LEU A 233 13.72 -5.83 -10.40
N ALA A 234 12.59 -5.28 -9.96
CA ALA A 234 12.27 -3.88 -10.26
C ALA A 234 13.32 -2.95 -9.67
N TYR A 235 13.91 -3.38 -8.56
CA TYR A 235 14.90 -2.56 -7.84
C TYR A 235 16.35 -2.89 -8.12
N GLU A 236 16.60 -3.83 -9.03
CA GLU A 236 17.95 -4.33 -9.20
C GLU A 236 18.95 -3.24 -9.57
N GLN A 237 18.56 -2.34 -10.47
CA GLN A 237 19.50 -1.34 -10.93
C GLN A 237 19.78 -0.29 -9.86
N VAL A 238 18.74 0.21 -9.20
CA VAL A 238 18.93 1.28 -8.23
C VAL A 238 19.50 0.83 -6.91
N ALA A 239 19.30 -0.45 -6.56
CA ALA A 239 19.69 -0.95 -5.24
C ALA A 239 20.99 -1.73 -5.26
N LYS A 240 21.51 -2.06 -6.44
CA LYS A 240 22.77 -2.82 -6.52
C LYS A 240 23.96 -1.99 -6.05
C1 MLI B . 3.11 2.39 -10.88
C1 MLI B . 2.92 2.61 -10.77
C2 MLI B . 2.21 2.13 -9.70
C2 MLI B . 1.63 1.97 -10.28
C3 MLI B . 2.33 3.15 -11.91
C3 MLI B . 3.01 2.82 -12.26
O6 MLI B . 2.64 2.40 -8.55
O6 MLI B . 1.53 1.69 -9.07
O7 MLI B . 1.10 1.62 -9.87
O7 MLI B . 0.69 1.76 -11.07
O8 MLI B . 2.26 2.71 -13.07
O8 MLI B . 2.00 2.67 -13.00
O9 MLI B . 1.77 4.20 -11.55
O9 MLI B . 4.11 3.15 -12.73
#